data_4N87
#
_entry.id   4N87
#
_cell.length_a   43.026
_cell.length_b   84.948
_cell.length_c   64.451
_cell.angle_alpha   90.00
_cell.angle_beta   90.00
_cell.angle_gamma   90.00
#
_symmetry.space_group_name_H-M   'P 21 21 2'
#
loop_
_entity.id
_entity.type
_entity.pdbx_description
1 polymer Transthyretin
2 non-polymer 4-[(3R)-8,8-dimethyl-3,4-dihydro-2H,8H-pyrano[2,3-f]chromen-3-yl]benzene-1,3-diol
3 water water
#
_entity_poly.entity_id   1
_entity_poly.type   'polypeptide(L)'
_entity_poly.pdbx_seq_one_letter_code
;MRGSHHHHHHGSMASHRLLLLCLAGLVFVSEAGPTGTGESKCPLMVKVLDAVRGSPAINVAMHVFRKAADDTWEPFASGK
TSESGELHGLTTEEEFVEGIYKVEIDTKSYWKALGISPFHEHAEVVFTANDSGPRRYTIAALLSPYSYSTTAVVTNPKE
;
_entity_poly.pdbx_strand_id   A,B
#
loop_
_chem_comp.id
_chem_comp.type
_chem_comp.name
_chem_comp.formula
GBJ non-polymer 4-[(3R)-8,8-dimethyl-3,4-dihydro-2H,8H-pyrano[2,3-f]chromen-3-yl]benzene-1,3-diol 'C20 H20 O4'
#
# COMPACT_ATOMS: atom_id res chain seq x y z
N CYS A 42 10.86 -15.76 14.37
CA CYS A 42 9.98 -16.05 13.26
C CYS A 42 10.45 -15.30 12.00
N PRO A 43 10.03 -15.80 10.81
CA PRO A 43 10.51 -15.22 9.56
C PRO A 43 9.68 -14.04 9.04
N LEU A 44 8.59 -13.72 9.70
CA LEU A 44 7.75 -12.61 9.25
C LEU A 44 7.12 -11.93 10.44
N MET A 45 7.45 -10.67 10.67
N MET A 45 7.49 -10.68 10.66
CA MET A 45 6.75 -9.93 11.70
CA MET A 45 6.87 -9.88 11.73
C MET A 45 6.52 -8.50 11.26
C MET A 45 6.53 -8.48 11.25
N VAL A 46 5.49 -7.89 11.82
CA VAL A 46 5.03 -6.58 11.39
C VAL A 46 4.99 -5.70 12.63
N LYS A 47 5.47 -4.46 12.52
CA LYS A 47 5.33 -3.53 13.63
C LYS A 47 4.69 -2.23 13.13
N VAL A 48 3.73 -1.71 13.90
CA VAL A 48 2.90 -0.60 13.43
C VAL A 48 2.95 0.52 14.46
N LEU A 49 3.26 1.74 14.01
CA LEU A 49 3.27 2.88 14.90
C LEU A 49 2.19 3.88 14.50
N ASP A 50 1.73 4.68 15.47
CA ASP A 50 0.71 5.69 15.27
C ASP A 50 1.39 7.06 15.33
N ALA A 51 1.32 7.83 14.24
CA ALA A 51 2.01 9.11 14.11
C ALA A 51 1.25 10.27 14.76
N VAL A 52 -0.02 10.03 15.11
CA VAL A 52 -0.82 11.07 15.77
C VAL A 52 -0.64 11.00 17.28
N ARG A 53 -0.55 9.78 17.82
N ARG A 53 -0.54 9.79 17.82
CA ARG A 53 -0.48 9.63 19.27
CA ARG A 53 -0.47 9.63 19.27
C ARG A 53 0.96 9.46 19.77
C ARG A 53 0.96 9.46 19.77
N GLY A 54 1.87 9.12 18.86
CA GLY A 54 3.25 8.87 19.26
C GLY A 54 3.29 7.61 20.11
N SER A 55 2.69 6.54 19.59
CA SER A 55 2.61 5.32 20.37
C SER A 55 2.62 4.15 19.40
N PRO A 56 2.78 2.93 19.95
CA PRO A 56 2.53 1.82 19.04
C PRO A 56 1.07 1.84 18.60
N ALA A 57 0.77 1.23 17.46
CA ALA A 57 -0.61 1.13 17.02
C ALA A 57 -1.11 -0.24 17.49
N ILE A 58 -1.97 -0.23 18.51
CA ILE A 58 -2.34 -1.43 19.28
C ILE A 58 -3.64 -2.00 18.72
N ASN A 59 -3.73 -3.33 18.68
CA ASN A 59 -4.96 -4.02 18.28
C ASN A 59 -5.29 -3.77 16.79
N VAL A 60 -4.25 -3.58 15.98
CA VAL A 60 -4.42 -3.42 14.53
C VAL A 60 -4.50 -4.78 13.85
N ALA A 61 -5.62 -5.07 13.21
CA ALA A 61 -5.80 -6.36 12.54
C ALA A 61 -5.12 -6.37 11.17
N MET A 62 -4.59 -7.52 10.77
CA MET A 62 -4.06 -7.66 9.42
C MET A 62 -4.19 -9.09 8.92
N HIS A 63 -4.34 -9.22 7.61
CA HIS A 63 -4.43 -10.53 6.97
C HIS A 63 -3.29 -10.69 5.98
N VAL A 64 -2.64 -11.86 6.00
CA VAL A 64 -1.60 -12.19 5.03
C VAL A 64 -2.16 -13.17 4.00
N PHE A 65 -1.86 -12.92 2.72
CA PHE A 65 -2.29 -13.82 1.66
C PHE A 65 -1.08 -14.25 0.86
N ARG A 66 -1.18 -15.43 0.24
CA ARG A 66 -0.15 -15.89 -0.66
C ARG A 66 -0.75 -16.08 -2.05
N LYS A 67 -0.01 -15.70 -3.08
CA LYS A 67 -0.48 -15.84 -4.45
C LYS A 67 -0.44 -17.32 -4.83
N ALA A 68 -1.57 -17.85 -5.31
CA ALA A 68 -1.63 -19.26 -5.70
C ALA A 68 -1.29 -19.45 -7.16
N ALA A 69 -1.16 -20.72 -7.57
CA ALA A 69 -0.84 -21.08 -8.94
C ALA A 69 -1.82 -20.47 -9.94
N ASP A 70 -3.10 -20.42 -9.56
CA ASP A 70 -4.15 -19.86 -10.41
C ASP A 70 -4.23 -18.34 -10.32
N ASP A 71 -3.18 -17.72 -9.78
CA ASP A 71 -3.09 -16.26 -9.63
C ASP A 71 -4.11 -15.62 -8.67
N THR A 72 -4.80 -16.43 -7.88
CA THR A 72 -5.66 -15.88 -6.82
C THR A 72 -4.93 -15.73 -5.48
N TRP A 73 -5.43 -14.83 -4.63
CA TRP A 73 -4.91 -14.67 -3.27
C TRP A 73 -5.50 -15.68 -2.33
N GLU A 74 -4.67 -16.57 -1.79
CA GLU A 74 -5.14 -17.51 -0.78
C GLU A 74 -4.77 -16.99 0.60
N PRO A 75 -5.70 -17.10 1.56
CA PRO A 75 -5.45 -16.76 2.98
C PRO A 75 -4.24 -17.54 3.47
N PHE A 76 -3.32 -16.88 4.19
CA PHE A 76 -2.09 -17.52 4.63
C PHE A 76 -1.95 -17.50 6.16
N ALA A 77 -2.25 -16.35 6.75
CA ALA A 77 -2.21 -16.16 8.19
C ALA A 77 -2.87 -14.84 8.53
N SER A 78 -3.24 -14.65 9.80
CA SER A 78 -3.78 -13.35 10.21
C SER A 78 -3.52 -13.15 11.70
N GLY A 79 -3.62 -11.90 12.17
CA GLY A 79 -3.38 -11.60 13.58
C GLY A 79 -3.65 -10.14 13.87
N LYS A 80 -3.44 -9.73 15.11
CA LYS A 80 -3.43 -8.30 15.40
C LYS A 80 -2.25 -7.88 16.27
N THR A 81 -1.88 -6.61 16.18
CA THR A 81 -0.73 -6.10 16.92
C THR A 81 -0.99 -6.08 18.41
N SER A 82 0.06 -6.33 19.17
CA SER A 82 -0.01 -6.35 20.63
C SER A 82 0.12 -4.93 21.17
N GLU A 83 0.27 -4.82 22.49
CA GLU A 83 0.33 -3.50 23.10
C GLU A 83 1.64 -2.79 22.77
N SER A 84 2.59 -3.54 22.21
CA SER A 84 3.83 -2.93 21.72
C SER A 84 3.75 -2.66 20.23
N GLY A 85 2.59 -2.94 19.63
CA GLY A 85 2.34 -2.65 18.23
C GLY A 85 2.93 -3.71 17.30
N GLU A 86 3.30 -4.85 17.86
CA GLU A 86 3.97 -5.89 17.12
C GLU A 86 3.05 -7.06 16.87
N LEU A 87 3.24 -7.72 15.73
CA LEU A 87 2.54 -8.96 15.47
C LEU A 87 3.57 -10.01 15.13
N HIS A 88 3.73 -11.01 16.01
CA HIS A 88 4.68 -12.09 15.77
C HIS A 88 3.96 -13.40 15.51
N GLY A 89 4.72 -14.44 15.18
CA GLY A 89 4.21 -15.79 15.10
C GLY A 89 3.19 -16.02 14.00
N LEU A 90 3.25 -15.22 12.93
CA LEU A 90 2.32 -15.37 11.84
C LEU A 90 2.52 -16.71 11.13
N THR A 91 3.78 -17.14 11.00
CA THR A 91 4.11 -18.30 10.21
C THR A 91 5.41 -18.94 10.67
N THR A 92 5.82 -20.01 10.00
CA THR A 92 7.07 -20.69 10.36
C THR A 92 8.01 -20.78 9.16
N GLU A 93 9.28 -21.08 9.41
CA GLU A 93 10.26 -21.22 8.33
C GLU A 93 9.82 -22.26 7.28
N GLU A 94 9.27 -23.39 7.74
CA GLU A 94 8.79 -24.42 6.82
C GLU A 94 7.58 -23.98 6.01
N GLU A 95 6.61 -23.36 6.68
CA GLU A 95 5.39 -22.96 5.99
C GLU A 95 5.63 -21.78 5.04
N PHE A 96 6.55 -20.89 5.42
CA PHE A 96 6.78 -19.65 4.69
C PHE A 96 7.65 -19.90 3.47
N VAL A 97 7.09 -20.56 2.47
CA VAL A 97 7.83 -20.92 1.27
C VAL A 97 7.96 -19.73 0.31
N GLU A 98 8.80 -19.90 -0.71
CA GLU A 98 8.93 -18.94 -1.81
C GLU A 98 7.56 -18.59 -2.38
N GLY A 99 7.32 -17.30 -2.63
CA GLY A 99 6.06 -16.89 -3.23
C GLY A 99 5.85 -15.39 -3.21
N ILE A 100 4.71 -14.94 -3.72
CA ILE A 100 4.34 -13.53 -3.58
C ILE A 100 3.32 -13.42 -2.46
N TYR A 101 3.58 -12.53 -1.51
CA TYR A 101 2.76 -12.40 -0.32
C TYR A 101 2.16 -11.02 -0.28
N LYS A 102 0.99 -10.91 0.34
CA LYS A 102 0.37 -9.60 0.55
C LYS A 102 -0.03 -9.48 2.01
N VAL A 103 0.42 -8.42 2.66
CA VAL A 103 -0.03 -8.13 4.01
C VAL A 103 -0.99 -6.98 3.89
N GLU A 104 -2.24 -7.21 4.29
CA GLU A 104 -3.25 -6.17 4.21
C GLU A 104 -3.59 -5.69 5.63
N ILE A 105 -3.22 -4.45 5.94
CA ILE A 105 -3.33 -3.96 7.32
C ILE A 105 -4.60 -3.14 7.47
N ASP A 106 -5.45 -3.49 8.43
CA ASP A 106 -6.76 -2.84 8.51
C ASP A 106 -6.65 -1.49 9.23
N THR A 107 -6.11 -0.51 8.53
CA THR A 107 -5.89 0.80 9.13
C THR A 107 -7.20 1.55 9.34
N LYS A 108 -8.19 1.29 8.50
CA LYS A 108 -9.46 2.00 8.59
C LYS A 108 -10.18 1.78 9.93
N SER A 109 -10.38 0.51 10.31
CA SER A 109 -11.00 0.16 11.60
C SER A 109 -10.20 0.74 12.76
N TYR A 110 -8.88 0.78 12.60
CA TYR A 110 -8.04 1.35 13.65
C TYR A 110 -8.42 2.82 13.88
N TRP A 111 -8.43 3.61 12.81
CA TRP A 111 -8.71 5.05 12.94
C TRP A 111 -10.15 5.29 13.36
N LYS A 112 -11.07 4.50 12.83
CA LYS A 112 -12.49 4.63 13.16
C LYS A 112 -12.72 4.46 14.66
N ALA A 113 -12.12 3.43 15.25
CA ALA A 113 -12.27 3.19 16.69
C ALA A 113 -11.75 4.36 17.52
N LEU A 114 -10.94 5.23 16.92
CA LEU A 114 -10.43 6.40 17.62
C LEU A 114 -11.20 7.68 17.24
N GLY A 115 -12.27 7.52 16.47
CA GLY A 115 -13.11 8.65 16.10
C GLY A 115 -12.63 9.40 14.87
N ILE A 116 -11.70 8.82 14.13
CA ILE A 116 -11.16 9.45 12.92
C ILE A 116 -11.65 8.74 11.66
N SER A 117 -12.05 9.53 10.67
CA SER A 117 -12.41 8.99 9.36
C SER A 117 -11.21 9.11 8.44
N PRO A 118 -10.47 8.01 8.24
CA PRO A 118 -9.19 8.11 7.54
C PRO A 118 -9.34 8.05 6.03
N PHE A 119 -8.28 8.34 5.31
CA PHE A 119 -8.36 8.33 3.85
C PHE A 119 -8.36 6.91 3.31
N HIS A 120 -7.42 6.11 3.78
CA HIS A 120 -7.22 4.79 3.19
C HIS A 120 -8.17 3.73 3.72
N GLU A 121 -8.52 2.77 2.87
CA GLU A 121 -9.30 1.62 3.32
C GLU A 121 -8.41 0.71 4.13
N HIS A 122 -7.15 0.65 3.71
CA HIS A 122 -6.16 -0.19 4.36
C HIS A 122 -4.78 0.13 3.82
N ALA A 123 -3.77 -0.49 4.42
CA ALA A 123 -2.42 -0.36 3.92
C ALA A 123 -1.98 -1.73 3.47
N GLU A 124 -1.40 -1.81 2.27
CA GLU A 124 -0.90 -3.09 1.79
C GLU A 124 0.62 -3.12 1.68
N VAL A 125 1.16 -4.33 1.73
CA VAL A 125 2.56 -4.57 1.41
C VAL A 125 2.58 -5.86 0.59
N VAL A 126 2.99 -5.75 -0.67
CA VAL A 126 3.02 -6.92 -1.53
C VAL A 126 4.46 -7.13 -1.99
N PHE A 127 4.96 -8.35 -1.79
CA PHE A 127 6.37 -8.64 -2.07
C PHE A 127 6.59 -10.11 -2.38
N THR A 128 7.62 -10.37 -3.18
CA THR A 128 8.13 -11.72 -3.37
C THR A 128 9.03 -12.05 -2.19
N ALA A 129 8.78 -13.20 -1.55
CA ALA A 129 9.56 -13.61 -0.41
C ALA A 129 10.38 -14.85 -0.73
N ASN A 130 11.57 -14.94 -0.12
CA ASN A 130 12.40 -16.13 -0.16
C ASN A 130 12.89 -16.58 -1.55
N ASP A 131 12.90 -15.65 -2.49
CA ASP A 131 13.30 -15.90 -3.88
C ASP A 131 14.72 -16.46 -4.02
N SER A 132 15.65 -15.97 -3.20
CA SER A 132 17.04 -16.42 -3.25
C SER A 132 17.39 -17.28 -2.04
N GLY A 133 16.38 -17.92 -1.44
CA GLY A 133 16.59 -18.66 -0.22
C GLY A 133 15.82 -17.99 0.91
N PRO A 134 15.71 -18.67 2.07
CA PRO A 134 14.97 -18.18 3.24
C PRO A 134 15.53 -16.87 3.81
N ARG A 135 14.66 -15.90 4.06
CA ARG A 135 15.05 -14.67 4.74
C ARG A 135 14.05 -14.41 5.89
N ARG A 136 14.41 -13.49 6.79
CA ARG A 136 13.50 -13.01 7.82
C ARG A 136 13.01 -11.63 7.40
N TYR A 137 11.70 -11.41 7.46
CA TYR A 137 11.15 -10.11 7.05
C TYR A 137 10.51 -9.37 8.21
N THR A 138 10.91 -8.10 8.37
CA THR A 138 10.23 -7.23 9.30
C THR A 138 9.59 -6.12 8.49
N ILE A 139 8.27 -6.01 8.60
CA ILE A 139 7.52 -4.96 7.91
C ILE A 139 7.19 -3.89 8.94
N ALA A 140 7.64 -2.65 8.72
CA ALA A 140 7.35 -1.55 9.64
C ALA A 140 6.40 -0.57 8.95
N ALA A 141 5.35 -0.16 9.66
CA ALA A 141 4.35 0.73 9.08
C ALA A 141 4.07 1.88 10.03
N LEU A 142 3.98 3.10 9.49
CA LEU A 142 3.62 4.27 10.28
C LEU A 142 2.31 4.83 9.75
N LEU A 143 1.35 5.03 10.65
CA LEU A 143 0.00 5.41 10.25
C LEU A 143 -0.37 6.85 10.65
N SER A 144 -0.95 7.57 9.70
CA SER A 144 -1.59 8.88 9.94
C SER A 144 -2.96 8.79 9.26
N PRO A 145 -3.89 9.69 9.61
CA PRO A 145 -5.22 9.58 8.99
C PRO A 145 -5.20 9.68 7.47
N TYR A 146 -4.35 10.54 6.91
CA TYR A 146 -4.28 10.67 5.45
C TYR A 146 -2.97 10.17 4.83
N SER A 147 -2.20 9.40 5.58
CA SER A 147 -0.90 8.99 5.06
C SER A 147 -0.46 7.69 5.68
N TYR A 148 0.38 6.95 4.95
CA TYR A 148 1.13 5.86 5.59
C TYR A 148 2.45 5.60 4.93
N SER A 149 3.36 5.05 5.71
CA SER A 149 4.69 4.73 5.23
C SER A 149 4.94 3.31 5.62
N THR A 150 5.68 2.61 4.78
CA THR A 150 6.07 1.26 5.13
C THR A 150 7.50 1.06 4.69
N THR A 151 8.24 0.21 5.39
CA THR A 151 9.57 -0.14 4.94
C THR A 151 9.79 -1.58 5.33
N ALA A 152 10.79 -2.21 4.72
CA ALA A 152 11.02 -3.62 5.01
C ALA A 152 12.47 -3.78 5.42
N VAL A 153 12.71 -4.59 6.44
CA VAL A 153 14.06 -4.97 6.84
C VAL A 153 14.14 -6.46 6.54
N VAL A 154 15.09 -6.83 5.70
CA VAL A 154 15.25 -8.22 5.24
C VAL A 154 16.62 -8.67 5.67
N THR A 155 16.68 -9.75 6.46
CA THR A 155 17.94 -10.25 6.97
C THR A 155 18.11 -11.75 6.72
N ASN A 156 19.36 -12.20 6.65
CA ASN A 156 19.62 -13.63 6.52
C ASN A 156 19.73 -14.30 7.88
N CYS B 42 -9.54 18.72 -12.66
CA CYS B 42 -8.97 17.40 -12.51
C CYS B 42 -9.23 16.85 -11.11
N PRO B 43 -10.18 15.90 -11.00
CA PRO B 43 -10.62 15.39 -9.69
C PRO B 43 -9.65 14.39 -9.07
N LEU B 44 -8.76 13.82 -9.87
CA LEU B 44 -7.82 12.82 -9.37
C LEU B 44 -6.47 12.99 -10.03
N MET B 45 -5.46 13.26 -9.22
CA MET B 45 -4.12 13.43 -9.75
C MET B 45 -3.14 12.62 -8.89
N VAL B 46 -2.14 12.02 -9.53
CA VAL B 46 -1.12 11.27 -8.79
C VAL B 46 0.24 11.90 -9.04
N LYS B 47 1.03 12.06 -7.98
CA LYS B 47 2.39 12.54 -8.18
C LYS B 47 3.38 11.63 -7.48
N VAL B 48 4.41 11.20 -8.21
CA VAL B 48 5.37 10.24 -7.70
C VAL B 48 6.80 10.81 -7.67
N LEU B 49 7.46 10.66 -6.51
CA LEU B 49 8.82 11.14 -6.34
C LEU B 49 9.78 9.98 -6.06
N ASP B 50 11.04 10.17 -6.42
CA ASP B 50 12.07 9.15 -6.28
C ASP B 50 13.05 9.61 -5.18
N ALA B 51 13.12 8.82 -4.09
CA ALA B 51 13.89 9.15 -2.90
C ALA B 51 15.37 8.79 -2.99
N VAL B 52 15.73 8.05 -4.04
CA VAL B 52 17.12 7.66 -4.25
C VAL B 52 17.83 8.68 -5.14
N ARG B 53 17.11 9.21 -6.12
CA ARG B 53 17.70 10.12 -7.09
C ARG B 53 17.33 11.57 -6.86
N GLY B 54 16.38 11.84 -5.96
CA GLY B 54 15.99 13.22 -5.67
C GLY B 54 15.31 13.89 -6.85
N SER B 55 14.43 13.13 -7.52
CA SER B 55 13.81 13.61 -8.74
C SER B 55 12.37 13.14 -8.79
N PRO B 56 11.58 13.72 -9.70
CA PRO B 56 10.29 13.07 -9.99
C PRO B 56 10.51 11.66 -10.48
N ALA B 57 9.57 10.77 -10.19
CA ALA B 57 9.67 9.41 -10.71
C ALA B 57 8.92 9.39 -12.04
N ILE B 58 9.69 9.24 -13.11
CA ILE B 58 9.20 9.43 -14.48
C ILE B 58 8.85 8.09 -15.12
N ASN B 59 7.80 8.10 -15.94
CA ASN B 59 7.36 6.91 -16.67
C ASN B 59 6.95 5.80 -15.74
N VAL B 60 6.40 6.17 -14.59
CA VAL B 60 5.82 5.16 -13.71
C VAL B 60 4.40 4.87 -14.16
N ALA B 61 4.15 3.62 -14.55
CA ALA B 61 2.82 3.17 -14.96
C ALA B 61 1.97 2.85 -13.74
N MET B 62 0.68 3.19 -13.81
CA MET B 62 -0.28 2.79 -12.80
C MET B 62 -1.65 2.53 -13.42
N HIS B 63 -2.44 1.66 -12.77
CA HIS B 63 -3.83 1.46 -13.15
C HIS B 63 -4.73 1.84 -11.97
N VAL B 64 -5.88 2.43 -12.28
CA VAL B 64 -6.87 2.76 -11.26
C VAL B 64 -8.04 1.82 -11.40
N PHE B 65 -8.49 1.23 -10.30
CA PHE B 65 -9.63 0.33 -10.32
C PHE B 65 -10.74 0.87 -9.45
N ARG B 66 -11.96 0.46 -9.77
CA ARG B 66 -13.11 0.76 -8.94
C ARG B 66 -13.74 -0.56 -8.50
N LYS B 67 -14.10 -0.65 -7.23
CA LYS B 67 -14.65 -1.90 -6.70
C LYS B 67 -16.07 -2.06 -7.23
N ALA B 68 -16.33 -3.21 -7.85
CA ALA B 68 -17.67 -3.53 -8.36
C ALA B 68 -18.54 -4.18 -7.27
N ALA B 69 -19.83 -4.33 -7.54
CA ALA B 69 -20.78 -4.88 -6.58
C ALA B 69 -20.40 -6.28 -6.09
N ASP B 70 -19.72 -7.05 -6.95
CA ASP B 70 -19.27 -8.40 -6.61
C ASP B 70 -17.90 -8.43 -5.90
N ASP B 71 -17.47 -7.26 -5.41
CA ASP B 71 -16.22 -7.11 -4.66
C ASP B 71 -14.94 -7.41 -5.45
N THR B 72 -15.02 -7.40 -6.77
CA THR B 72 -13.80 -7.47 -7.59
C THR B 72 -13.39 -6.09 -8.10
N TRP B 73 -12.17 -5.99 -8.62
CA TRP B 73 -11.66 -4.72 -9.09
C TRP B 73 -11.88 -4.53 -10.57
N GLU B 74 -12.62 -3.47 -10.91
CA GLU B 74 -12.92 -3.13 -12.29
C GLU B 74 -11.95 -2.07 -12.78
N PRO B 75 -11.28 -2.34 -13.92
CA PRO B 75 -10.49 -1.30 -14.58
C PRO B 75 -11.30 -0.03 -14.79
N PHE B 76 -10.65 1.13 -14.59
CA PHE B 76 -11.31 2.43 -14.61
C PHE B 76 -10.48 3.44 -15.41
N ALA B 77 -9.19 3.51 -15.12
CA ALA B 77 -8.28 4.44 -15.78
C ALA B 77 -6.84 3.95 -15.66
N SER B 78 -5.92 4.60 -16.38
CA SER B 78 -4.49 4.27 -16.26
C SER B 78 -3.63 5.27 -17.03
N GLY B 79 -2.33 5.24 -16.80
CA GLY B 79 -1.40 6.14 -17.44
C GLY B 79 0.01 5.98 -16.89
N LYS B 80 0.93 6.83 -17.35
CA LYS B 80 2.34 6.84 -16.94
C LYS B 80 2.62 8.23 -16.40
N THR B 81 3.44 8.35 -15.37
CA THR B 81 3.81 9.67 -14.89
C THR B 81 4.60 10.42 -15.95
N SER B 82 4.40 11.73 -16.02
CA SER B 82 5.16 12.58 -16.94
C SER B 82 6.58 12.89 -16.45
N GLU B 83 7.28 13.80 -17.14
CA GLU B 83 8.66 14.14 -16.76
C GLU B 83 8.71 14.87 -15.42
N SER B 84 7.55 15.33 -14.96
CA SER B 84 7.46 16.00 -13.66
C SER B 84 6.95 15.04 -12.59
N GLY B 85 6.86 13.76 -12.95
CA GLY B 85 6.39 12.72 -12.02
C GLY B 85 4.89 12.75 -11.78
N GLU B 86 4.16 13.41 -12.68
CA GLU B 86 2.74 13.65 -12.46
C GLU B 86 1.89 12.89 -13.45
N LEU B 87 0.71 12.47 -13.02
CA LEU B 87 -0.24 11.83 -13.93
C LEU B 87 -1.61 12.51 -13.73
N HIS B 88 -2.09 13.14 -14.79
CA HIS B 88 -3.33 13.92 -14.77
C HIS B 88 -4.39 13.29 -15.66
N GLY B 89 -5.57 13.91 -15.70
CA GLY B 89 -6.62 13.51 -16.62
C GLY B 89 -7.02 12.06 -16.57
N LEU B 90 -6.98 11.47 -15.38
CA LEU B 90 -7.37 10.07 -15.21
C LEU B 90 -8.88 9.89 -15.39
N THR B 91 -9.65 10.88 -14.93
CA THR B 91 -11.10 10.81 -14.91
C THR B 91 -11.70 12.22 -14.93
N THR B 92 -13.04 12.31 -14.98
CA THR B 92 -13.72 13.61 -14.93
C THR B 92 -14.69 13.63 -13.76
N GLU B 93 -15.19 14.81 -13.38
CA GLU B 93 -16.09 14.86 -12.24
C GLU B 93 -17.37 14.06 -12.44
N GLU B 94 -17.88 14.01 -13.67
CA GLU B 94 -19.08 13.20 -13.96
C GLU B 94 -18.83 11.71 -13.69
N GLU B 95 -17.71 11.21 -14.19
CA GLU B 95 -17.40 9.78 -14.13
C GLU B 95 -16.91 9.34 -12.75
N PHE B 96 -16.28 10.26 -12.04
CA PHE B 96 -15.68 9.97 -10.74
C PHE B 96 -16.73 10.01 -9.63
N VAL B 97 -17.59 9.00 -9.61
CA VAL B 97 -18.63 8.88 -8.59
C VAL B 97 -18.11 8.21 -7.32
N GLU B 98 -18.90 8.29 -6.25
CA GLU B 98 -18.55 7.65 -4.98
C GLU B 98 -18.31 6.16 -5.16
N GLY B 99 -17.33 5.63 -4.44
CA GLY B 99 -16.98 4.24 -4.55
C GLY B 99 -15.62 3.99 -3.93
N ILE B 100 -15.18 2.74 -3.96
CA ILE B 100 -13.84 2.44 -3.47
C ILE B 100 -12.91 2.30 -4.65
N TYR B 101 -11.82 3.07 -4.62
CA TYR B 101 -10.89 3.11 -5.73
C TYR B 101 -9.53 2.58 -5.32
N LYS B 102 -8.85 1.94 -6.26
CA LYS B 102 -7.54 1.42 -6.01
C LYS B 102 -6.61 1.96 -7.07
N VAL B 103 -5.54 2.62 -6.64
CA VAL B 103 -4.49 3.01 -7.57
C VAL B 103 -3.34 2.06 -7.36
N GLU B 104 -3.02 1.30 -8.40
N GLU B 104 -3.02 1.30 -8.40
CA GLU B 104 -1.93 0.34 -8.31
CA GLU B 104 -1.93 0.34 -8.31
C GLU B 104 -0.73 0.83 -9.11
C GLU B 104 -0.73 0.83 -9.11
N ILE B 105 0.35 1.13 -8.41
CA ILE B 105 1.52 1.75 -9.00
C ILE B 105 2.62 0.72 -9.28
N ASP B 106 3.03 0.58 -10.53
CA ASP B 106 4.03 -0.44 -10.85
C ASP B 106 5.44 0.02 -10.45
N THR B 107 5.70 0.01 -9.14
CA THR B 107 7.00 0.48 -8.64
C THR B 107 8.10 -0.51 -9.02
N LYS B 108 7.74 -1.78 -9.13
CA LYS B 108 8.75 -2.81 -9.44
C LYS B 108 9.41 -2.56 -10.80
N SER B 109 8.59 -2.29 -11.83
CA SER B 109 9.14 -2.01 -13.16
C SER B 109 10.00 -0.74 -13.15
N TYR B 110 9.62 0.21 -12.32
CA TYR B 110 10.37 1.45 -12.22
C TYR B 110 11.79 1.17 -11.73
N TRP B 111 11.92 0.45 -10.63
CA TRP B 111 13.25 0.17 -10.08
C TRP B 111 14.10 -0.73 -11.00
N LYS B 112 13.45 -1.71 -11.65
CA LYS B 112 14.16 -2.60 -12.57
C LYS B 112 14.82 -1.82 -13.71
N ALA B 113 14.13 -0.81 -14.22
CA ALA B 113 14.66 0.00 -15.31
C ALA B 113 15.85 0.84 -14.87
N LEU B 114 15.93 1.11 -13.57
CA LEU B 114 17.05 1.87 -13.02
C LEU B 114 18.17 0.92 -12.60
N GLY B 115 17.92 -0.37 -12.73
CA GLY B 115 18.92 -1.38 -12.36
C GLY B 115 19.03 -1.60 -10.86
N ILE B 116 17.93 -1.39 -10.15
CA ILE B 116 17.92 -1.49 -8.68
C ILE B 116 16.90 -2.51 -8.21
N SER B 117 17.32 -3.43 -7.34
CA SER B 117 16.42 -4.49 -6.86
C SER B 117 15.45 -3.96 -5.83
N PRO B 118 14.14 -4.05 -6.12
CA PRO B 118 13.10 -3.48 -5.25
C PRO B 118 12.49 -4.52 -4.31
N PHE B 119 11.93 -4.06 -3.20
CA PHE B 119 11.23 -4.99 -2.31
C PHE B 119 9.83 -5.31 -2.79
N HIS B 120 9.06 -4.27 -3.10
CA HIS B 120 7.64 -4.44 -3.35
C HIS B 120 7.32 -4.86 -4.77
N GLU B 121 6.22 -5.57 -4.94
CA GLU B 121 5.77 -5.91 -6.29
C GLU B 121 5.18 -4.66 -6.93
N HIS B 122 4.51 -3.85 -6.12
CA HIS B 122 3.91 -2.62 -6.58
C HIS B 122 3.48 -1.89 -5.33
N ALA B 123 2.99 -0.68 -5.50
CA ALA B 123 2.46 0.08 -4.38
C ALA B 123 0.99 0.29 -4.65
N GLU B 124 0.16 0.12 -3.63
CA GLU B 124 -1.27 0.37 -3.80
C GLU B 124 -1.72 1.54 -2.93
N VAL B 125 -2.78 2.21 -3.38
CA VAL B 125 -3.48 3.19 -2.55
C VAL B 125 -4.96 2.88 -2.70
N VAL B 126 -5.60 2.42 -1.64
CA VAL B 126 -7.00 2.06 -1.71
C VAL B 126 -7.80 2.98 -0.81
N PHE B 127 -8.84 3.60 -1.37
CA PHE B 127 -9.57 4.62 -0.64
C PHE B 127 -11.00 4.76 -1.11
N THR B 128 -11.88 5.18 -0.21
CA THR B 128 -13.24 5.54 -0.55
C THR B 128 -13.27 6.99 -1.03
N ALA B 129 -13.87 7.21 -2.20
CA ALA B 129 -13.91 8.54 -2.77
C ALA B 129 -15.26 9.20 -2.54
N ASN B 130 -15.21 10.49 -2.18
CA ASN B 130 -16.36 11.39 -2.21
C ASN B 130 -17.45 11.16 -1.16
N ASP B 131 -17.10 10.49 -0.07
CA ASP B 131 -18.08 10.07 0.94
C ASP B 131 -18.89 11.23 1.56
N SER B 132 -18.48 12.46 1.26
CA SER B 132 -19.20 13.64 1.72
C SER B 132 -19.59 14.51 0.52
N GLY B 133 -19.70 13.90 -0.65
CA GLY B 133 -19.86 14.65 -1.89
C GLY B 133 -18.51 14.97 -2.50
N PRO B 134 -18.39 14.83 -3.84
CA PRO B 134 -17.22 15.06 -4.70
C PRO B 134 -16.21 16.11 -4.25
N ARG B 135 -14.95 15.68 -4.14
CA ARG B 135 -13.82 16.58 -3.82
C ARG B 135 -12.70 16.35 -4.86
N ARG B 136 -11.58 17.06 -4.71
CA ARG B 136 -10.42 16.84 -5.58
C ARG B 136 -9.33 16.07 -4.84
N TYR B 137 -8.74 15.08 -5.50
CA TYR B 137 -7.79 14.20 -4.85
C TYR B 137 -6.41 14.30 -5.46
N THR B 138 -5.41 14.66 -4.65
CA THR B 138 -4.02 14.46 -5.05
C THR B 138 -3.43 13.33 -4.20
N ILE B 139 -2.94 12.29 -4.87
CA ILE B 139 -2.24 11.19 -4.20
C ILE B 139 -0.77 11.41 -4.45
N ALA B 140 0.02 11.54 -3.37
CA ALA B 140 1.45 11.72 -3.50
C ALA B 140 2.12 10.46 -2.99
N ALA B 141 3.08 9.94 -3.74
CA ALA B 141 3.81 8.75 -3.33
C ALA B 141 5.31 9.02 -3.42
N LEU B 142 6.07 8.56 -2.42
CA LEU B 142 7.52 8.71 -2.44
C LEU B 142 8.11 7.31 -2.48
N LEU B 143 8.97 7.03 -3.45
CA LEU B 143 9.45 5.67 -3.63
C LEU B 143 10.91 5.46 -3.22
N SER B 144 11.15 4.40 -2.45
CA SER B 144 12.50 3.89 -2.21
C SER B 144 12.50 2.39 -2.54
N PRO B 145 13.69 1.79 -2.75
CA PRO B 145 13.68 0.37 -3.10
C PRO B 145 13.01 -0.53 -2.05
N TYR B 146 13.15 -0.22 -0.76
CA TYR B 146 12.55 -1.04 0.27
C TYR B 146 11.47 -0.34 1.09
N SER B 147 10.98 0.77 0.58
CA SER B 147 10.03 1.57 1.34
C SER B 147 9.18 2.40 0.41
N TYR B 148 7.95 2.67 0.82
CA TYR B 148 7.19 3.73 0.14
C TYR B 148 6.27 4.46 1.12
N SER B 149 6.04 5.74 0.83
CA SER B 149 5.17 6.58 1.62
C SER B 149 4.15 7.15 0.68
N THR B 150 2.92 7.27 1.16
CA THR B 150 1.92 7.92 0.34
C THR B 150 1.05 8.80 1.22
N THR B 151 0.55 9.89 0.67
CA THR B 151 -0.31 10.75 1.44
C THR B 151 -1.35 11.28 0.49
N ALA B 152 -2.49 11.67 1.03
CA ALA B 152 -3.55 12.21 0.21
C ALA B 152 -3.72 13.68 0.55
N VAL B 153 -3.94 14.52 -0.48
CA VAL B 153 -4.38 15.89 -0.25
C VAL B 153 -5.80 15.96 -0.78
N VAL B 154 -6.74 16.29 0.09
CA VAL B 154 -8.15 16.30 -0.30
C VAL B 154 -8.67 17.72 -0.15
N THR B 155 -9.01 18.35 -1.26
CA THR B 155 -9.38 19.77 -1.28
C THR B 155 -10.82 20.00 -1.74
N ASN B 156 -11.33 21.19 -1.47
CA ASN B 156 -12.68 21.56 -1.85
C ASN B 156 -12.69 22.58 -2.99
C1 GBJ C . 8.75 6.26 10.25
C2 GBJ C . 8.96 5.04 9.40
C3 GBJ C . 7.95 3.99 9.66
C4 GBJ C . 8.15 3.15 10.89
C5 GBJ C . 9.62 3.02 11.27
C6 GBJ C . 10.59 3.75 10.55
C7 GBJ C . 11.99 3.63 10.91
C8 GBJ C . 12.39 2.80 11.97
C9 GBJ C . 11.39 2.05 12.69
C10 GBJ C . 10.03 2.16 12.35
O1 GBJ C . 9.05 1.44 13.06
C11 GBJ C . 9.52 0.32 13.69
C12 GBJ C . 10.64 0.67 14.60
C13 GBJ C . 11.83 1.14 13.84
C14 GBJ C . 11.08 -0.51 15.43
C15 GBJ C . 11.81 -1.55 14.87
C16 GBJ C . 12.19 -2.62 15.66
C17 GBJ C . 11.86 -2.65 17.01
C18 GBJ C . 11.15 -1.60 17.57
C19 GBJ C . 10.75 -0.54 16.79
O2 GBJ C . 10.04 0.50 17.34
O3 GBJ C . 12.26 -3.71 17.79
O4 GBJ C . 10.24 4.59 9.49
C20 GBJ C . 8.79 5.50 7.99
C1 GBJ D . 4.64 11.97 1.77
C2 GBJ D . 6.05 12.39 1.49
C3 GBJ D . 6.28 13.79 1.90
C4 GBJ D . 5.63 14.81 1.00
C5 GBJ D . 5.50 14.31 -0.43
C6 GBJ D . 5.88 13.00 -0.77
C7 GBJ D . 5.78 12.54 -2.14
C8 GBJ D . 5.28 13.40 -3.13
C9 GBJ D . 4.89 14.75 -2.78
C10 GBJ D . 5.00 15.21 -1.45
O1 GBJ D . 4.62 16.52 -1.10
C11 GBJ D . 4.72 17.41 -2.13
C12 GBJ D . 3.88 16.98 -3.28
C13 GBJ D . 4.35 15.69 -3.85
C14 GBJ D . 3.87 17.98 -4.41
C15 GBJ D . 4.98 18.08 -5.26
C16 GBJ D . 4.95 19.00 -6.31
C17 GBJ D . 3.83 19.79 -6.52
C18 GBJ D . 2.72 19.67 -5.67
C19 GBJ D . 2.75 18.77 -4.62
O2 GBJ D . 1.65 18.66 -3.80
O3 GBJ D . 3.81 20.69 -7.55
O4 GBJ D . 6.38 12.13 0.20
C20 GBJ D . 6.93 11.52 2.33
#